data_2CBN
#
_entry.id   2CBN
#
_cell.length_a   147.200
_cell.length_b   147.200
_cell.length_c   138.200
_cell.angle_alpha   90.00
_cell.angle_beta   90.00
_cell.angle_gamma   120.00
#
_symmetry.space_group_name_H-M   'P 64 2 2'
#
loop_
_entity.id
_entity.type
_entity.pdbx_description
1 polymer 'RIBONUCLEASE Z'
2 non-polymer 'ZINC ION'
#
_entity_poly.entity_id   1
_entity_poly.type   'polypeptide(L)'
_entity_poly.pdbx_seq_one_letter_code
;AMNLIFLGTSAGVPTRTRNVTAILLNLQHPTQSGLWLFDCGEGTQHQLLHTAFNPGKLDKIFISHLHGDHLFGLPGLLCS
RSMSGIIQPLTIYGPQGIREFVETALRISGSWTDYPLEIVEIGAGEILDDGLRKVTAYPLEHPLECYGYRIEEHDAPGAL
NAQALKAAGVPPGPLFQELKAGKTITLEDGRQINGADYLAAPVPGKALAIFGDTGPCDAALDLAKGVDVMVHEATLDITM
EAKANSRGHSSTRQAATLAREAGVGKLIITHVSSRYDDKGCQHLLRECRSIFPATELANDFTVFNV
;
_entity_poly.pdbx_strand_id   A
#
# COMPACT_ATOMS: atom_id res chain seq x y z
N ALA A 1 -6.31 3.23 11.32
CA ALA A 1 -6.20 3.48 9.86
C ALA A 1 -4.90 2.85 9.35
N MET A 2 -4.95 2.26 8.15
CA MET A 2 -3.77 1.66 7.50
C MET A 2 -3.08 0.42 8.08
N ASN A 3 -3.39 -0.72 7.47
CA ASN A 3 -2.80 -2.00 7.83
C ASN A 3 -2.39 -2.80 6.60
N LEU A 4 -1.24 -3.46 6.70
CA LEU A 4 -0.79 -4.30 5.61
C LEU A 4 -0.96 -5.75 6.02
N ILE A 5 -1.67 -6.51 5.19
CA ILE A 5 -1.83 -7.93 5.46
C ILE A 5 -1.25 -8.68 4.26
N PHE A 6 -0.10 -9.32 4.46
CA PHE A 6 0.55 -10.08 3.40
C PHE A 6 -0.12 -11.42 3.12
N LEU A 7 -0.50 -11.63 1.86
CA LEU A 7 -1.12 -12.89 1.48
C LEU A 7 -0.08 -13.82 0.84
N GLY A 8 0.83 -13.27 0.05
CA GLY A 8 1.86 -14.07 -0.60
C GLY A 8 3.16 -13.32 -0.55
N THR A 9 4.26 -14.03 -0.31
CA THR A 9 5.54 -13.38 -0.21
C THR A 9 6.66 -14.05 -0.98
N SER A 10 6.30 -14.87 -1.96
CA SER A 10 7.31 -15.60 -2.72
C SER A 10 7.63 -15.11 -4.12
N ALA A 11 8.92 -15.05 -4.43
CA ALA A 11 9.37 -14.63 -5.76
C ALA A 11 9.07 -15.68 -6.84
N GLY A 12 8.45 -15.24 -7.94
CA GLY A 12 8.17 -16.08 -9.08
C GLY A 12 7.28 -17.29 -8.99
N VAL A 13 7.53 -18.17 -8.04
CA VAL A 13 6.77 -19.40 -7.93
C VAL A 13 6.36 -19.70 -6.48
N PRO A 14 5.24 -20.41 -6.28
CA PRO A 14 4.82 -20.71 -4.90
C PRO A 14 5.66 -21.79 -4.28
N THR A 15 5.64 -21.86 -2.95
CA THR A 15 6.38 -22.87 -2.20
C THR A 15 5.53 -23.44 -1.05
N ARG A 16 6.00 -24.53 -0.46
CA ARG A 16 5.19 -25.12 0.58
C ARG A 16 4.87 -24.10 1.66
N THR A 17 5.80 -23.19 1.89
CA THR A 17 5.63 -22.19 2.94
C THR A 17 5.15 -20.80 2.52
N ARG A 18 5.53 -20.33 1.34
CA ARG A 18 5.09 -19.00 0.87
C ARG A 18 4.44 -19.03 -0.51
N ASN A 19 3.29 -18.39 -0.63
CA ASN A 19 2.60 -18.32 -1.90
C ASN A 19 3.12 -17.13 -2.67
N VAL A 20 2.82 -17.07 -3.95
CA VAL A 20 3.27 -15.94 -4.75
C VAL A 20 2.60 -14.65 -4.27
N THR A 21 3.07 -13.55 -4.83
CA THR A 21 2.66 -12.22 -4.43
C THR A 21 1.24 -11.73 -4.39
N ALA A 22 0.92 -11.14 -3.25
CA ALA A 22 -0.36 -10.48 -3.00
C ALA A 22 -0.26 -9.80 -1.65
N ILE A 23 -0.46 -8.48 -1.65
CA ILE A 23 -0.44 -7.69 -0.41
C ILE A 23 -1.80 -6.98 -0.22
N LEU A 24 -2.37 -7.14 0.96
CA LEU A 24 -3.66 -6.55 1.30
C LEU A 24 -3.49 -5.28 2.10
N LEU A 25 -4.27 -4.26 1.78
CA LEU A 25 -4.19 -3.00 2.52
C LEU A 25 -5.53 -2.69 3.14
N ASN A 26 -5.57 -2.77 4.47
CA ASN A 26 -6.78 -2.47 5.18
C ASN A 26 -6.80 -0.99 5.51
N LEU A 27 -7.78 -0.29 4.96
CA LEU A 27 -7.91 1.13 5.19
C LEU A 27 -9.09 1.38 6.13
N GLN A 28 -8.80 1.48 7.43
CA GLN A 28 -9.82 1.72 8.45
C GLN A 28 -10.10 3.19 8.57
N HIS A 29 -11.13 3.67 7.87
CA HIS A 29 -11.49 5.09 7.92
C HIS A 29 -12.86 5.22 8.56
N PRO A 30 -13.25 6.43 8.92
CA PRO A 30 -14.56 6.65 9.53
C PRO A 30 -15.67 6.45 8.50
N THR A 31 -15.38 6.76 7.24
CA THR A 31 -16.38 6.60 6.18
C THR A 31 -15.76 6.00 4.92
N GLN A 32 -14.61 5.37 5.07
CA GLN A 32 -13.92 4.72 3.96
C GLN A 32 -13.17 3.51 4.50
N SER A 33 -13.89 2.65 5.22
CA SER A 33 -13.32 1.43 5.81
C SER A 33 -13.30 0.23 4.85
N GLY A 34 -12.64 0.41 3.71
CA GLY A 34 -12.55 -0.64 2.71
C GLY A 34 -11.23 -1.41 2.63
N LEU A 35 -11.18 -2.31 1.66
CA LEU A 35 -10.02 -3.13 1.45
C LEU A 35 -9.40 -2.86 0.10
N TRP A 36 -8.07 -2.89 0.06
CA TRP A 36 -7.33 -2.70 -1.18
C TRP A 36 -6.35 -3.85 -1.33
N LEU A 37 -6.12 -4.26 -2.57
CA LEU A 37 -5.23 -5.39 -2.87
C LEU A 37 -4.14 -5.03 -3.86
N PHE A 38 -2.90 -5.29 -3.49
CA PHE A 38 -1.78 -5.02 -4.37
C PHE A 38 -1.15 -6.31 -4.85
N ASP A 39 -1.48 -6.63 -6.10
CA ASP A 39 -1.06 -7.81 -6.85
C ASP A 39 -1.95 -9.02 -6.55
N CYS A 40 -1.94 -9.97 -7.46
CA CYS A 40 -2.82 -11.12 -7.35
C CYS A 40 -2.24 -12.40 -7.95
N GLY A 41 -1.17 -12.94 -7.36
CA GLY A 41 -0.57 -14.16 -7.87
C GLY A 41 -1.50 -15.35 -7.71
N GLU A 42 -1.24 -16.45 -8.42
CA GLU A 42 -2.14 -17.60 -8.31
C GLU A 42 -2.31 -18.04 -6.88
N GLY A 43 -3.52 -18.39 -6.50
CA GLY A 43 -3.76 -18.79 -5.13
C GLY A 43 -4.13 -17.64 -4.20
N THR A 44 -4.06 -16.38 -4.66
CA THR A 44 -4.42 -15.23 -3.82
C THR A 44 -5.82 -15.40 -3.22
N GLN A 45 -6.81 -15.74 -4.04
CA GLN A 45 -8.14 -15.87 -3.47
C GLN A 45 -8.18 -16.94 -2.40
N HIS A 46 -7.38 -17.98 -2.52
CA HIS A 46 -7.36 -19.09 -1.54
C HIS A 46 -6.84 -18.56 -0.24
N GLN A 47 -5.74 -17.83 -0.36
CA GLN A 47 -5.05 -17.24 0.75
C GLN A 47 -6.02 -16.35 1.54
N LEU A 48 -6.83 -15.60 0.80
CA LEU A 48 -7.79 -14.69 1.40
C LEU A 48 -8.81 -15.49 2.18
N LEU A 49 -9.45 -16.41 1.46
CA LEU A 49 -10.47 -17.31 1.98
C LEU A 49 -10.15 -17.89 3.37
N HIS A 50 -8.87 -17.99 3.71
CA HIS A 50 -8.46 -18.53 4.98
C HIS A 50 -8.35 -17.49 6.08
N THR A 51 -8.69 -16.25 5.75
CA THR A 51 -8.66 -15.16 6.73
C THR A 51 -10.09 -14.76 7.02
N ALA A 52 -10.29 -14.00 8.08
CA ALA A 52 -11.63 -13.55 8.43
C ALA A 52 -11.97 -12.20 7.83
N PHE A 53 -11.24 -11.78 6.81
CA PHE A 53 -11.55 -10.51 6.19
C PHE A 53 -12.78 -10.68 5.33
N ASN A 54 -13.61 -9.65 5.27
CA ASN A 54 -14.82 -9.70 4.47
C ASN A 54 -14.43 -9.39 3.04
N PRO A 55 -14.50 -10.40 2.14
CA PRO A 55 -14.15 -10.18 0.75
C PRO A 55 -15.00 -9.10 0.08
N GLY A 56 -16.11 -8.74 0.71
CA GLY A 56 -17.01 -7.72 0.17
C GLY A 56 -16.48 -6.31 0.30
N LYS A 57 -15.71 -6.07 1.35
CA LYS A 57 -15.11 -4.76 1.59
C LYS A 57 -14.12 -4.34 0.49
N LEU A 58 -13.40 -5.31 -0.09
CA LEU A 58 -12.42 -5.06 -1.16
C LEU A 58 -13.08 -4.41 -2.37
N ASP A 59 -12.63 -3.21 -2.72
CA ASP A 59 -13.22 -2.46 -3.86
C ASP A 59 -12.24 -2.10 -4.98
N LYS A 60 -10.96 -2.05 -4.65
CA LYS A 60 -9.92 -1.73 -5.63
C LYS A 60 -8.76 -2.73 -5.64
N ILE A 61 -8.24 -3.05 -6.83
CA ILE A 61 -7.10 -3.97 -6.99
C ILE A 61 -6.03 -3.29 -7.86
N PHE A 62 -4.82 -3.19 -7.35
CA PHE A 62 -3.71 -2.55 -8.05
C PHE A 62 -2.64 -3.53 -8.52
N ILE A 63 -2.48 -3.70 -9.83
CA ILE A 63 -1.45 -4.59 -10.34
C ILE A 63 -0.15 -3.86 -10.72
N SER A 64 0.98 -4.26 -10.13
CA SER A 64 2.23 -3.59 -10.47
C SER A 64 2.67 -3.93 -11.88
N HIS A 65 2.69 -5.23 -12.21
CA HIS A 65 3.07 -5.67 -13.55
C HIS A 65 2.40 -6.98 -13.85
N LEU A 66 2.41 -7.37 -15.12
CA LEU A 66 1.71 -8.57 -15.54
C LEU A 66 2.41 -9.93 -15.52
N HIS A 67 3.50 -10.07 -14.76
CA HIS A 67 4.16 -11.38 -14.70
C HIS A 67 3.22 -12.35 -14.01
N GLY A 68 3.22 -13.60 -14.46
CA GLY A 68 2.34 -14.59 -13.88
C GLY A 68 2.24 -14.61 -12.36
N ASP A 69 3.37 -14.44 -11.67
CA ASP A 69 3.35 -14.51 -10.21
C ASP A 69 2.72 -13.33 -9.46
N HIS A 70 2.16 -12.39 -10.23
CA HIS A 70 1.48 -11.20 -9.72
C HIS A 70 0.13 -11.05 -10.41
N LEU A 71 -0.13 -11.88 -11.41
CA LEU A 71 -1.37 -11.76 -12.18
C LEU A 71 -2.30 -12.95 -12.24
N PHE A 72 -1.80 -14.15 -12.48
CA PHE A 72 -2.67 -15.34 -12.59
C PHE A 72 -3.29 -15.42 -11.22
N GLY A 73 -4.59 -15.51 -11.11
CA GLY A 73 -5.13 -15.51 -9.76
C GLY A 73 -6.21 -14.45 -9.72
N LEU A 74 -6.05 -13.43 -10.56
CA LEU A 74 -6.99 -12.34 -10.68
C LEU A 74 -8.28 -12.85 -11.33
N PRO A 75 -8.17 -13.61 -12.45
CA PRO A 75 -9.43 -14.09 -13.04
C PRO A 75 -10.27 -14.93 -12.09
N GLY A 76 -9.62 -15.80 -11.34
CA GLY A 76 -10.35 -16.63 -10.41
C GLY A 76 -10.97 -15.79 -9.31
N LEU A 77 -10.26 -14.77 -8.82
CA LEU A 77 -10.82 -13.93 -7.77
C LEU A 77 -12.08 -13.22 -8.27
N LEU A 78 -12.00 -12.63 -9.45
CA LEU A 78 -13.14 -11.96 -9.99
C LEU A 78 -14.33 -12.92 -10.07
N CYS A 79 -14.14 -14.14 -10.55
CA CYS A 79 -15.26 -15.07 -10.66
C CYS A 79 -15.80 -15.47 -9.32
N SER A 80 -14.93 -15.66 -8.35
CA SER A 80 -15.38 -16.05 -7.04
C SER A 80 -16.18 -14.94 -6.39
N ARG A 81 -15.74 -13.70 -6.61
CA ARG A 81 -16.39 -12.50 -6.07
C ARG A 81 -17.83 -12.51 -6.55
N SER A 82 -17.98 -12.69 -7.85
CA SER A 82 -19.30 -12.74 -8.44
C SER A 82 -20.10 -13.93 -7.97
N MET A 83 -19.48 -15.11 -7.88
CA MET A 83 -20.25 -16.25 -7.44
C MET A 83 -20.76 -16.09 -6.02
N SER A 84 -20.08 -15.30 -5.19
CA SER A 84 -20.61 -15.00 -3.85
C SER A 84 -21.70 -14.04 -4.26
N GLY A 85 -22.33 -13.36 -3.32
CA GLY A 85 -23.34 -12.45 -3.79
C GLY A 85 -22.79 -11.05 -3.91
N ILE A 86 -21.48 -10.91 -3.85
CA ILE A 86 -20.90 -9.57 -3.88
C ILE A 86 -21.34 -8.80 -5.11
N ILE A 87 -21.81 -7.59 -4.85
CA ILE A 87 -22.29 -6.68 -5.90
C ILE A 87 -21.64 -5.29 -5.78
N GLN A 88 -21.01 -5.02 -4.64
CA GLN A 88 -20.30 -3.76 -4.44
C GLN A 88 -19.34 -3.68 -5.65
N PRO A 89 -19.31 -2.53 -6.34
CA PRO A 89 -18.45 -2.30 -7.52
C PRO A 89 -16.96 -2.52 -7.27
N LEU A 90 -16.21 -2.88 -8.31
CA LEU A 90 -14.75 -3.15 -8.20
C LEU A 90 -13.91 -2.52 -9.30
N THR A 91 -12.80 -1.90 -8.90
CA THR A 91 -11.89 -1.27 -9.85
C THR A 91 -10.47 -1.84 -9.82
N ILE A 92 -10.00 -2.20 -11.01
CA ILE A 92 -8.67 -2.76 -11.22
C ILE A 92 -7.79 -1.70 -11.91
N TYR A 93 -6.59 -1.48 -11.37
CA TYR A 93 -5.65 -0.52 -11.94
C TYR A 93 -4.36 -1.25 -12.30
N GLY A 94 -3.90 -1.11 -13.54
CA GLY A 94 -2.68 -1.79 -13.92
C GLY A 94 -2.17 -1.38 -15.29
N PRO A 95 -0.94 -1.75 -15.63
CA PRO A 95 -0.32 -1.42 -16.91
C PRO A 95 -1.07 -2.02 -18.10
N GLN A 96 -0.84 -1.48 -19.29
CA GLN A 96 -1.51 -1.96 -20.50
C GLN A 96 -1.47 -3.46 -20.67
N GLY A 97 -2.58 -4.02 -21.11
CA GLY A 97 -2.64 -5.44 -21.32
C GLY A 97 -3.51 -6.01 -20.23
N ILE A 98 -3.56 -5.32 -19.10
CA ILE A 98 -4.36 -5.77 -17.98
C ILE A 98 -5.80 -6.00 -18.45
N ARG A 99 -6.34 -5.05 -19.21
CA ARG A 99 -7.70 -5.20 -19.68
C ARG A 99 -7.87 -6.38 -20.63
N GLU A 100 -6.95 -6.51 -21.59
CA GLU A 100 -7.03 -7.59 -22.57
C GLU A 100 -6.96 -8.95 -21.90
N PHE A 101 -6.10 -9.05 -20.90
CA PHE A 101 -5.93 -10.28 -20.17
C PHE A 101 -7.25 -10.68 -19.49
N VAL A 102 -7.71 -9.83 -18.56
CA VAL A 102 -8.95 -10.10 -17.82
C VAL A 102 -10.12 -10.40 -18.74
N GLU A 103 -10.30 -9.59 -19.78
CA GLU A 103 -11.42 -9.82 -20.68
C GLU A 103 -11.35 -11.19 -21.36
N THR A 104 -10.19 -11.50 -21.94
CA THR A 104 -10.00 -12.77 -22.64
C THR A 104 -10.27 -13.96 -21.75
N ALA A 105 -9.71 -13.91 -20.55
CA ALA A 105 -9.86 -14.96 -19.55
C ALA A 105 -11.35 -15.15 -19.30
N LEU A 106 -12.05 -14.05 -19.04
CA LEU A 106 -13.48 -14.18 -18.78
C LEU A 106 -14.26 -14.67 -20.00
N ARG A 107 -13.92 -14.16 -21.18
CA ARG A 107 -14.61 -14.57 -22.39
C ARG A 107 -14.53 -16.07 -22.57
N ILE A 108 -13.33 -16.57 -22.84
CA ILE A 108 -13.10 -17.99 -23.06
C ILE A 108 -13.66 -18.94 -21.99
N SER A 109 -13.60 -18.51 -20.74
CA SER A 109 -14.11 -19.33 -19.65
C SER A 109 -15.65 -19.25 -19.46
N GLY A 110 -16.33 -18.47 -20.30
CA GLY A 110 -17.77 -18.32 -20.22
C GLY A 110 -18.23 -17.71 -18.90
N SER A 111 -17.48 -16.72 -18.42
CA SER A 111 -17.73 -16.04 -17.16
C SER A 111 -18.22 -14.62 -17.35
N TRP A 112 -18.60 -13.99 -16.24
CA TRP A 112 -19.10 -12.61 -16.14
C TRP A 112 -18.93 -12.13 -14.72
N THR A 113 -19.58 -11.03 -14.40
CA THR A 113 -19.55 -10.49 -13.06
C THR A 113 -20.95 -9.95 -12.87
N ASP A 114 -21.44 -9.99 -11.65
CA ASP A 114 -22.75 -9.47 -11.34
C ASP A 114 -22.50 -8.24 -10.46
N TYR A 115 -21.34 -7.64 -10.62
CA TYR A 115 -21.00 -6.42 -9.91
C TYR A 115 -20.27 -5.59 -10.94
N PRO A 116 -20.46 -4.26 -10.90
CA PRO A 116 -19.75 -3.44 -11.88
C PRO A 116 -18.23 -3.55 -11.70
N LEU A 117 -17.55 -3.82 -12.80
CA LEU A 117 -16.10 -3.97 -12.84
C LEU A 117 -15.49 -2.94 -13.76
N GLU A 118 -14.55 -2.17 -13.23
CA GLU A 118 -13.88 -1.16 -14.02
C GLU A 118 -12.39 -1.47 -14.10
N ILE A 119 -11.88 -1.65 -15.32
CA ILE A 119 -10.46 -1.91 -15.49
C ILE A 119 -9.82 -0.61 -15.98
N VAL A 120 -8.69 -0.24 -15.38
CA VAL A 120 -8.01 1.00 -15.73
C VAL A 120 -6.53 0.82 -16.09
N GLU A 121 -6.23 0.99 -17.37
CA GLU A 121 -4.87 0.88 -17.88
C GLU A 121 -4.11 2.12 -17.40
N ILE A 122 -3.17 2.00 -16.49
CA ILE A 122 -2.47 3.18 -16.03
C ILE A 122 -1.05 3.40 -16.54
N GLY A 123 -0.50 4.54 -16.11
CA GLY A 123 0.86 4.94 -16.43
C GLY A 123 1.35 5.80 -15.26
N ALA A 124 2.61 6.21 -15.29
CA ALA A 124 3.18 7.03 -14.22
C ALA A 124 2.27 8.17 -13.82
N GLY A 125 2.36 8.60 -12.57
CA GLY A 125 1.54 9.70 -12.11
C GLY A 125 0.40 9.34 -11.19
N GLU A 126 -0.17 10.35 -10.54
CA GLU A 126 -1.29 10.16 -9.62
C GLU A 126 -2.33 9.23 -10.27
N ILE A 127 -2.86 8.29 -9.50
CA ILE A 127 -3.83 7.33 -9.99
C ILE A 127 -5.23 7.66 -9.48
N LEU A 128 -5.31 8.14 -8.25
CA LEU A 128 -6.62 8.51 -7.68
C LEU A 128 -6.55 9.34 -6.41
N ASP A 129 -7.63 10.10 -6.18
CA ASP A 129 -7.72 10.89 -4.96
C ASP A 129 -8.99 10.56 -4.20
N ASP A 130 -8.79 9.83 -3.10
CA ASP A 130 -9.81 9.33 -2.18
C ASP A 130 -10.57 10.49 -1.57
N GLY A 131 -9.85 11.60 -1.44
CA GLY A 131 -10.40 12.77 -0.79
C GLY A 131 -9.67 12.66 0.53
N LEU A 132 -9.37 11.44 0.94
CA LEU A 132 -8.66 11.21 2.20
C LEU A 132 -7.20 10.83 1.94
N ARG A 133 -6.94 10.22 0.78
CA ARG A 133 -5.58 9.82 0.41
C ARG A 133 -5.41 9.73 -1.11
N LYS A 134 -4.17 9.82 -1.58
CA LYS A 134 -3.94 9.72 -3.01
C LYS A 134 -2.91 8.66 -3.33
N VAL A 135 -3.14 7.97 -4.44
CA VAL A 135 -2.25 6.92 -4.89
C VAL A 135 -1.54 7.40 -6.14
N THR A 136 -0.23 7.19 -6.17
CA THR A 136 0.59 7.59 -7.30
C THR A 136 1.44 6.44 -7.81
N ALA A 137 1.44 6.25 -9.12
CA ALA A 137 2.23 5.22 -9.76
C ALA A 137 3.62 5.76 -10.10
N TYR A 138 4.63 4.92 -9.91
CA TYR A 138 6.02 5.26 -10.22
C TYR A 138 6.61 4.12 -11.05
N PRO A 139 7.21 4.43 -12.20
CA PRO A 139 7.81 3.42 -13.07
C PRO A 139 9.10 2.84 -12.50
N LEU A 140 9.25 1.52 -12.58
CA LEU A 140 10.43 0.87 -12.02
C LEU A 140 11.24 0.10 -13.06
N GLU A 141 12.37 -0.47 -12.65
CA GLU A 141 13.22 -1.24 -13.56
C GLU A 141 12.91 -2.73 -13.48
N HIS A 142 12.25 -3.27 -14.51
CA HIS A 142 11.86 -4.67 -14.54
C HIS A 142 11.53 -5.08 -15.99
N PRO A 143 11.74 -6.35 -16.35
CA PRO A 143 11.47 -6.87 -17.68
C PRO A 143 10.11 -6.53 -18.26
N LEU A 144 9.17 -6.14 -17.43
CA LEU A 144 7.84 -5.75 -17.90
C LEU A 144 7.52 -4.40 -17.30
N GLU A 145 6.68 -3.63 -17.97
CA GLU A 145 6.27 -2.32 -17.47
C GLU A 145 5.79 -2.63 -16.04
N CYS A 146 6.39 -1.99 -15.06
CA CYS A 146 6.04 -2.23 -13.67
C CYS A 146 6.05 -0.96 -12.82
N TYR A 147 4.96 -0.75 -12.09
CA TYR A 147 4.80 0.43 -11.24
C TYR A 147 4.83 0.19 -9.76
N GLY A 148 5.39 1.15 -9.05
CA GLY A 148 5.42 1.13 -7.59
C GLY A 148 4.26 2.02 -7.21
N TYR A 149 3.70 1.83 -6.02
CA TYR A 149 2.57 2.64 -5.61
C TYR A 149 2.79 3.35 -4.32
N ARG A 150 2.66 4.65 -4.39
CA ARG A 150 2.79 5.49 -3.21
C ARG A 150 1.38 5.83 -2.78
N ILE A 151 1.05 5.48 -1.54
CA ILE A 151 -0.26 5.81 -1.00
C ILE A 151 -0.01 6.76 0.15
N GLU A 152 -0.53 7.97 -0.02
CA GLU A 152 -0.41 9.05 0.95
C GLU A 152 -1.78 9.57 1.31
N GLU A 153 -2.02 9.67 2.61
CA GLU A 153 -3.28 10.20 3.08
C GLU A 153 -2.97 11.67 3.32
N HIS A 154 -3.82 12.56 2.80
CA HIS A 154 -3.63 14.00 2.95
C HIS A 154 -3.46 14.34 4.43
N ASP A 155 -2.78 15.46 4.71
CA ASP A 155 -2.55 15.90 6.09
C ASP A 155 -3.87 16.35 6.71
N ALA A 156 -4.05 16.02 7.98
CA ALA A 156 -5.27 16.41 8.70
C ALA A 156 -5.09 17.85 9.17
N PRO A 157 -6.07 18.73 8.87
CA PRO A 157 -5.96 20.13 9.30
C PRO A 157 -5.80 20.17 10.82
N GLY A 158 -5.02 21.11 11.32
CA GLY A 158 -4.81 21.21 12.76
C GLY A 158 -6.10 21.50 13.50
N ALA A 159 -6.38 20.77 14.57
CA ALA A 159 -7.62 21.02 15.31
C ALA A 159 -7.43 22.09 16.40
N LEU A 160 -8.54 22.68 16.83
CA LEU A 160 -8.50 23.70 17.87
C LEU A 160 -8.00 23.10 19.16
N ASN A 161 -7.16 23.88 19.84
CA ASN A 161 -6.62 23.47 21.12
C ASN A 161 -7.65 23.77 22.20
N ALA A 162 -8.56 22.84 22.46
CA ALA A 162 -9.59 23.09 23.46
C ALA A 162 -9.01 23.58 24.80
N GLN A 163 -8.02 22.86 25.31
CA GLN A 163 -7.39 23.21 26.58
C GLN A 163 -6.87 24.63 26.58
N ALA A 164 -6.02 24.95 25.62
CA ALA A 164 -5.46 26.28 25.54
C ALA A 164 -6.57 27.33 25.54
N LEU A 165 -7.67 27.05 24.83
CA LEU A 165 -8.79 27.96 24.78
C LEU A 165 -9.44 28.07 26.16
N LYS A 166 -9.74 26.92 26.78
CA LYS A 166 -10.33 26.91 28.12
C LYS A 166 -9.45 27.74 29.04
N ALA A 167 -8.14 27.53 28.95
CA ALA A 167 -7.18 28.27 29.76
C ALA A 167 -7.39 29.76 29.55
N ALA A 168 -7.59 30.13 28.29
CA ALA A 168 -7.78 31.52 27.91
C ALA A 168 -9.15 32.12 28.24
N GLY A 169 -10.06 31.31 28.80
CA GLY A 169 -11.35 31.85 29.16
C GLY A 169 -12.54 31.37 28.36
N VAL A 170 -12.31 31.00 27.10
CA VAL A 170 -13.36 30.51 26.23
C VAL A 170 -14.06 29.28 26.80
N PRO A 171 -15.35 29.39 27.09
CA PRO A 171 -16.06 28.23 27.64
C PRO A 171 -16.47 27.28 26.53
N PRO A 172 -16.66 26.01 26.87
CA PRO A 172 -17.06 25.05 25.85
C PRO A 172 -18.50 25.33 25.40
N GLY A 173 -18.78 25.12 24.11
CA GLY A 173 -20.13 25.32 23.61
C GLY A 173 -20.42 26.42 22.61
N PRO A 174 -21.11 27.49 23.06
CA PRO A 174 -21.50 28.67 22.27
C PRO A 174 -20.46 29.25 21.31
N LEU A 175 -19.58 30.11 21.84
CA LEU A 175 -18.55 30.74 21.03
C LEU A 175 -17.51 29.73 20.59
N PHE A 176 -17.62 28.51 21.14
CA PHE A 176 -16.69 27.44 20.77
C PHE A 176 -16.95 27.12 19.31
N GLN A 177 -18.23 27.01 18.96
CA GLN A 177 -18.65 26.73 17.60
C GLN A 177 -18.01 27.73 16.64
N GLU A 178 -18.21 29.02 16.90
CA GLU A 178 -17.65 30.09 16.08
C GLU A 178 -16.13 30.07 15.97
N LEU A 179 -15.46 29.99 17.12
CA LEU A 179 -14.00 29.97 17.17
C LEU A 179 -13.52 28.81 16.27
N LYS A 180 -14.36 27.78 16.17
CA LYS A 180 -14.08 26.61 15.35
C LYS A 180 -14.06 27.05 13.89
N ALA A 181 -15.07 27.81 13.51
CA ALA A 181 -15.22 28.34 12.16
C ALA A 181 -14.03 29.22 11.76
N GLY A 182 -13.55 30.03 12.71
CA GLY A 182 -12.42 30.91 12.44
C GLY A 182 -12.67 32.30 12.97
N LYS A 183 -13.94 32.60 13.25
CA LYS A 183 -14.36 33.89 13.78
C LYS A 183 -13.41 34.37 14.87
N THR A 184 -13.13 35.67 14.87
CA THR A 184 -12.24 36.28 15.87
C THR A 184 -13.09 36.69 17.09
N ILE A 185 -14.19 35.95 17.28
CA ILE A 185 -15.13 36.18 18.37
C ILE A 185 -14.49 36.75 19.64
N THR A 186 -15.09 37.85 20.14
CA THR A 186 -14.60 38.51 21.35
C THR A 186 -15.31 37.95 22.59
N LEU A 187 -14.61 37.96 23.72
CA LEU A 187 -15.14 37.45 25.00
C LEU A 187 -15.79 38.55 25.84
N GLU A 188 -16.86 38.17 26.56
CA GLU A 188 -17.57 39.09 27.43
C GLU A 188 -16.60 39.76 28.39
N ASP A 189 -15.47 39.10 28.65
CA ASP A 189 -14.45 39.65 29.55
C ASP A 189 -13.71 40.78 28.82
N GLY A 190 -14.33 41.27 27.74
CA GLY A 190 -13.72 42.34 26.98
C GLY A 190 -12.36 41.92 26.45
N ARG A 191 -12.38 41.09 25.39
CA ARG A 191 -11.15 40.59 24.75
C ARG A 191 -11.49 39.72 23.54
N GLN A 192 -10.90 40.06 22.38
CA GLN A 192 -11.14 39.31 21.14
C GLN A 192 -10.19 38.11 20.98
N ILE A 193 -10.76 36.94 20.63
CA ILE A 193 -9.97 35.72 20.49
C ILE A 193 -10.06 35.11 19.09
N ASN A 194 -8.94 35.15 18.37
CA ASN A 194 -8.87 34.63 17.00
C ASN A 194 -8.56 33.13 16.96
N GLY A 195 -9.61 32.32 16.76
CA GLY A 195 -9.44 30.87 16.71
C GLY A 195 -8.25 30.35 15.93
N ALA A 196 -7.65 31.21 15.11
CA ALA A 196 -6.51 30.83 14.30
C ALA A 196 -5.23 30.67 15.10
N ASP A 197 -5.24 31.13 16.35
CA ASP A 197 -4.07 31.03 17.21
C ASP A 197 -4.23 29.85 18.17
N TYR A 198 -5.20 28.99 17.88
CA TYR A 198 -5.44 27.83 18.73
C TYR A 198 -5.56 26.55 17.92
N LEU A 199 -5.76 26.71 16.62
CA LEU A 199 -5.84 25.57 15.71
C LEU A 199 -4.36 25.31 15.47
N ALA A 200 -3.77 24.51 16.35
CA ALA A 200 -2.36 24.22 16.27
C ALA A 200 -1.98 22.93 15.52
N ALA A 201 -0.66 22.76 15.33
CA ALA A 201 0.00 21.62 14.67
C ALA A 201 -0.82 20.69 13.76
N PRO A 202 -0.94 21.02 12.45
CA PRO A 202 -1.70 20.19 11.51
C PRO A 202 -1.01 18.85 11.20
N VAL A 203 -1.40 17.79 11.89
CA VAL A 203 -0.82 16.44 11.72
C VAL A 203 -0.70 15.92 10.29
N PRO A 204 0.53 15.62 9.84
CA PRO A 204 0.81 15.12 8.50
C PRO A 204 0.31 13.68 8.34
N GLY A 205 -0.04 13.31 7.11
CA GLY A 205 -0.53 11.97 6.86
C GLY A 205 0.53 10.88 6.88
N LYS A 206 0.06 9.63 6.93
CA LYS A 206 0.98 8.49 6.91
C LYS A 206 1.34 8.29 5.43
N ALA A 207 2.57 7.85 5.18
CA ALA A 207 3.04 7.62 3.82
C ALA A 207 3.46 6.16 3.63
N LEU A 208 2.90 5.52 2.60
CA LEU A 208 3.18 4.13 2.29
C LEU A 208 3.63 3.91 0.84
N ALA A 209 4.68 3.11 0.67
CA ALA A 209 5.20 2.79 -0.65
C ALA A 209 5.27 1.29 -0.91
N ILE A 210 4.34 0.79 -1.70
CA ILE A 210 4.37 -0.62 -2.03
C ILE A 210 5.04 -0.69 -3.40
N PHE A 211 6.26 -1.21 -3.45
CA PHE A 211 6.98 -1.32 -4.71
C PHE A 211 6.53 -2.54 -5.52
N GLY A 212 6.80 -2.50 -6.83
CA GLY A 212 6.52 -3.63 -7.70
C GLY A 212 7.92 -4.26 -7.83
N ASP A 213 8.08 -5.36 -8.55
CA ASP A 213 9.42 -5.98 -8.67
C ASP A 213 10.33 -4.96 -9.31
N THR A 214 11.58 -4.87 -8.85
CA THR A 214 12.54 -3.92 -9.43
C THR A 214 13.99 -4.13 -9.06
N GLY A 215 14.84 -3.67 -9.98
CA GLY A 215 16.28 -3.66 -9.77
C GLY A 215 16.54 -2.19 -9.44
N PRO A 216 17.76 -1.77 -9.09
CA PRO A 216 17.95 -0.34 -8.79
C PRO A 216 17.48 0.58 -9.94
N CYS A 217 16.86 1.70 -9.58
CA CYS A 217 16.38 2.62 -10.58
C CYS A 217 16.16 4.03 -10.05
N ASP A 218 16.16 5.00 -10.95
CA ASP A 218 15.99 6.39 -10.60
C ASP A 218 14.74 6.69 -9.79
N ALA A 219 13.56 6.45 -10.38
CA ALA A 219 12.29 6.71 -9.71
C ALA A 219 12.17 6.09 -8.32
N ALA A 220 12.94 5.02 -8.08
CA ALA A 220 12.92 4.31 -6.80
C ALA A 220 13.01 5.23 -5.60
N LEU A 221 13.87 6.24 -5.67
CA LEU A 221 14.02 7.15 -4.54
C LEU A 221 12.84 8.04 -4.31
N ASP A 222 12.15 8.43 -5.37
CA ASP A 222 10.99 9.29 -5.19
C ASP A 222 9.91 8.51 -4.46
N LEU A 223 9.56 7.35 -4.99
CA LEU A 223 8.55 6.51 -4.37
C LEU A 223 8.83 6.38 -2.88
N ALA A 224 10.07 6.05 -2.54
CA ALA A 224 10.47 5.87 -1.16
C ALA A 224 10.53 7.10 -0.26
N LYS A 225 11.06 8.21 -0.77
CA LYS A 225 11.20 9.47 -0.02
C LYS A 225 10.32 9.64 1.23
N GLY A 226 10.97 9.54 2.38
CA GLY A 226 10.30 9.73 3.67
C GLY A 226 9.01 9.02 4.01
N VAL A 227 8.60 8.00 3.24
CA VAL A 227 7.37 7.29 3.56
C VAL A 227 7.51 6.57 4.91
N ASP A 228 6.38 6.42 5.60
CA ASP A 228 6.39 5.74 6.89
C ASP A 228 6.88 4.30 6.73
N VAL A 229 6.16 3.54 5.90
CA VAL A 229 6.46 2.13 5.61
C VAL A 229 6.79 1.90 4.13
N MET A 230 7.88 1.18 3.88
CA MET A 230 8.32 0.88 2.52
C MET A 230 8.37 -0.62 2.27
N VAL A 231 7.51 -1.11 1.39
CA VAL A 231 7.51 -2.52 1.06
C VAL A 231 8.35 -2.69 -0.20
N HIS A 232 9.46 -3.40 -0.07
CA HIS A 232 10.39 -3.61 -1.18
C HIS A 232 10.89 -5.04 -1.30
N GLU A 233 10.99 -5.51 -2.52
CA GLU A 233 11.46 -6.87 -2.70
C GLU A 233 12.91 -6.98 -2.28
N ALA A 234 13.31 -8.20 -1.92
CA ALA A 234 14.69 -8.51 -1.57
C ALA A 234 14.85 -9.94 -2.08
N THR A 235 14.71 -10.11 -3.40
CA THR A 235 14.76 -11.44 -3.98
C THR A 235 16.00 -12.26 -3.69
N LEU A 236 17.17 -11.67 -3.80
CA LEU A 236 18.39 -12.42 -3.55
C LEU A 236 19.33 -11.77 -2.55
N ASP A 237 20.26 -12.56 -2.01
CA ASP A 237 21.24 -12.06 -1.05
C ASP A 237 22.33 -11.28 -1.81
N ILE A 238 23.26 -10.67 -1.07
CA ILE A 238 24.32 -9.88 -1.68
C ILE A 238 25.16 -10.64 -2.71
N THR A 239 25.58 -11.86 -2.41
CA THR A 239 26.40 -12.58 -3.37
C THR A 239 25.74 -12.85 -4.72
N MET A 240 24.44 -12.59 -4.83
CA MET A 240 23.69 -12.82 -6.07
C MET A 240 23.17 -11.52 -6.67
N GLU A 241 23.66 -10.40 -6.14
CA GLU A 241 23.21 -9.10 -6.60
C GLU A 241 23.22 -8.92 -8.12
N ALA A 242 24.22 -9.43 -8.80
CA ALA A 242 24.29 -9.30 -10.25
C ALA A 242 23.17 -10.09 -10.93
N LYS A 243 23.01 -11.34 -10.49
CA LYS A 243 21.98 -12.21 -11.03
C LYS A 243 20.68 -11.44 -10.84
N ALA A 244 20.41 -11.04 -9.60
CA ALA A 244 19.20 -10.28 -9.29
C ALA A 244 19.03 -9.10 -10.25
N ASN A 245 19.96 -8.17 -10.20
CA ASN A 245 19.91 -6.98 -11.04
C ASN A 245 19.65 -7.27 -12.51
N SER A 246 20.16 -8.38 -13.02
CA SER A 246 19.99 -8.73 -14.44
C SER A 246 18.56 -9.06 -14.84
N ARG A 247 17.75 -9.44 -13.85
CA ARG A 247 16.36 -9.83 -14.07
C ARG A 247 15.38 -8.80 -13.53
N GLY A 248 15.86 -7.61 -13.20
CA GLY A 248 14.97 -6.60 -12.68
C GLY A 248 14.65 -6.79 -11.20
N HIS A 249 15.61 -7.31 -10.44
CA HIS A 249 15.43 -7.52 -9.01
C HIS A 249 16.51 -6.85 -8.19
N SER A 250 16.31 -6.80 -6.88
CA SER A 250 17.26 -6.15 -6.00
C SER A 250 17.82 -7.12 -4.98
N SER A 251 19.02 -6.83 -4.51
CA SER A 251 19.68 -7.66 -3.50
C SER A 251 19.30 -7.12 -2.13
N THR A 252 19.61 -7.90 -1.11
CA THR A 252 19.32 -7.48 0.25
C THR A 252 19.87 -6.07 0.52
N ARG A 253 21.17 -5.87 0.31
CA ARG A 253 21.76 -4.58 0.58
C ARG A 253 21.11 -3.49 -0.22
N GLN A 254 20.95 -3.70 -1.51
CA GLN A 254 20.34 -2.67 -2.35
C GLN A 254 19.02 -2.12 -1.76
N ALA A 255 18.19 -3.00 -1.20
CA ALA A 255 16.91 -2.60 -0.63
C ALA A 255 17.11 -1.79 0.65
N ALA A 256 17.94 -2.31 1.56
CA ALA A 256 18.23 -1.64 2.83
C ALA A 256 18.82 -0.24 2.58
N THR A 257 19.84 -0.18 1.73
CA THR A 257 20.49 1.07 1.37
C THR A 257 19.52 2.10 0.78
N LEU A 258 18.54 1.63 0.02
CA LEU A 258 17.56 2.54 -0.56
C LEU A 258 16.68 3.00 0.60
N ALA A 259 16.38 2.09 1.51
CA ALA A 259 15.57 2.44 2.67
C ALA A 259 16.27 3.61 3.33
N ARG A 260 17.54 3.39 3.71
CA ARG A 260 18.34 4.42 4.35
C ARG A 260 18.36 5.68 3.50
N GLU A 261 18.84 5.56 2.27
CA GLU A 261 18.90 6.72 1.41
C GLU A 261 17.62 7.53 1.43
N ALA A 262 16.48 6.87 1.48
CA ALA A 262 15.22 7.60 1.44
C ALA A 262 14.61 8.03 2.76
N GLY A 263 15.29 7.69 3.85
CA GLY A 263 14.78 8.03 5.17
C GLY A 263 13.32 7.63 5.28
N VAL A 264 13.09 6.33 5.50
CA VAL A 264 11.75 5.78 5.63
C VAL A 264 11.69 5.23 7.04
N GLY A 265 10.49 5.14 7.61
CA GLY A 265 10.38 4.63 8.97
C GLY A 265 10.73 3.17 9.10
N LYS A 266 10.03 2.35 8.33
CA LYS A 266 10.24 0.91 8.37
C LYS A 266 10.42 0.33 6.97
N LEU A 267 11.16 -0.76 6.90
CA LEU A 267 11.37 -1.46 5.64
C LEU A 267 10.87 -2.89 5.80
N ILE A 268 9.97 -3.29 4.90
CA ILE A 268 9.45 -4.65 4.90
C ILE A 268 9.90 -5.29 3.56
N ILE A 269 10.74 -6.31 3.64
CA ILE A 269 11.20 -6.99 2.42
C ILE A 269 10.31 -8.23 2.10
N THR A 270 10.15 -8.54 0.81
CA THR A 270 9.37 -9.71 0.38
C THR A 270 9.90 -10.20 -0.94
N HIS A 271 9.06 -11.03 -1.57
CA HIS A 271 9.37 -11.56 -2.87
C HIS A 271 10.72 -12.21 -2.76
N VAL A 272 10.83 -13.08 -1.76
CA VAL A 272 12.08 -13.78 -1.56
C VAL A 272 12.14 -15.02 -2.42
N SER A 273 13.35 -15.32 -2.90
CA SER A 273 13.57 -16.47 -3.75
C SER A 273 13.27 -17.80 -3.09
N SER A 274 12.61 -18.68 -3.84
CA SER A 274 12.27 -19.98 -3.30
C SER A 274 13.57 -20.75 -2.94
N ARG A 275 14.70 -20.20 -3.37
CA ARG A 275 15.96 -20.86 -3.14
C ARG A 275 16.32 -20.86 -1.67
N TYR A 276 15.92 -19.82 -0.96
CA TYR A 276 16.23 -19.74 0.46
C TYR A 276 15.18 -20.40 1.34
N ASP A 277 15.66 -21.09 2.38
CA ASP A 277 14.80 -21.75 3.35
C ASP A 277 14.66 -20.81 4.55
N ASP A 278 13.89 -21.18 5.56
CA ASP A 278 13.70 -20.30 6.73
C ASP A 278 14.95 -19.61 7.25
N LYS A 279 16.01 -20.38 7.46
CA LYS A 279 17.25 -19.80 7.96
C LYS A 279 17.82 -18.85 6.91
N GLY A 280 17.82 -19.26 5.65
CA GLY A 280 18.33 -18.41 4.60
C GLY A 280 17.62 -17.07 4.57
N CYS A 281 16.35 -17.06 4.98
CA CYS A 281 15.57 -15.82 5.02
C CYS A 281 15.94 -14.96 6.21
N GLN A 282 16.49 -15.59 7.24
CA GLN A 282 16.91 -14.87 8.43
C GLN A 282 18.27 -14.28 8.11
N HIS A 283 19.00 -14.95 7.21
CA HIS A 283 20.28 -14.45 6.78
C HIS A 283 20.01 -13.25 5.87
N LEU A 284 18.91 -13.30 5.13
CA LEU A 284 18.58 -12.18 4.27
C LEU A 284 18.29 -10.98 5.18
N LEU A 285 17.48 -11.22 6.21
CA LEU A 285 17.10 -10.17 7.16
C LEU A 285 18.33 -9.49 7.76
N ARG A 286 19.28 -10.30 8.23
CA ARG A 286 20.50 -9.77 8.84
C ARG A 286 21.17 -8.81 7.86
N GLU A 287 21.29 -9.23 6.60
CA GLU A 287 21.92 -8.39 5.59
C GLU A 287 21.26 -7.04 5.55
N CYS A 288 19.94 -7.01 5.48
CA CYS A 288 19.25 -5.73 5.46
C CYS A 288 19.48 -4.93 6.73
N ARG A 289 19.28 -5.58 7.87
CA ARG A 289 19.45 -4.92 9.15
C ARG A 289 20.81 -4.28 9.41
N SER A 290 21.88 -4.90 8.92
CA SER A 290 23.20 -4.32 9.12
C SER A 290 23.46 -3.10 8.23
N ILE A 291 22.41 -2.53 7.65
CA ILE A 291 22.52 -1.37 6.78
C ILE A 291 21.27 -0.54 6.97
N PHE A 292 20.45 -0.95 7.92
CA PHE A 292 19.18 -0.29 8.21
C PHE A 292 18.48 -1.20 9.18
N PRO A 293 18.74 -1.02 10.47
CA PRO A 293 18.14 -1.85 11.53
C PRO A 293 16.62 -2.00 11.51
N ALA A 294 15.91 -1.03 10.97
CA ALA A 294 14.45 -1.10 10.95
C ALA A 294 13.85 -1.85 9.76
N THR A 295 14.34 -3.07 9.53
CA THR A 295 13.84 -3.91 8.44
C THR A 295 13.19 -5.15 9.01
N GLU A 296 12.13 -5.59 8.34
CA GLU A 296 11.38 -6.77 8.75
C GLU A 296 11.05 -7.65 7.54
N LEU A 297 10.93 -8.95 7.79
CA LEU A 297 10.61 -9.93 6.77
C LEU A 297 9.12 -10.22 6.75
N ALA A 298 8.48 -10.01 5.61
CA ALA A 298 7.06 -10.30 5.50
C ALA A 298 6.88 -11.82 5.41
N ASN A 299 5.71 -12.27 5.85
CA ASN A 299 5.38 -13.68 5.81
C ASN A 299 3.93 -13.79 5.46
N ASP A 300 3.55 -14.93 4.91
CA ASP A 300 2.17 -15.10 4.53
C ASP A 300 1.34 -14.93 5.77
N PHE A 301 0.40 -14.01 5.67
CA PHE A 301 -0.52 -13.67 6.73
C PHE A 301 0.02 -12.78 7.82
N THR A 302 1.26 -12.31 7.68
CA THR A 302 1.86 -11.40 8.66
C THR A 302 1.19 -10.02 8.51
N VAL A 303 1.02 -9.32 9.62
CA VAL A 303 0.40 -8.00 9.58
C VAL A 303 1.32 -6.85 9.96
N PHE A 304 1.03 -5.68 9.41
CA PHE A 304 1.84 -4.51 9.67
C PHE A 304 1.05 -3.20 9.76
N ASN A 305 1.46 -2.38 10.73
CA ASN A 305 0.85 -1.08 10.97
C ASN A 305 1.63 -0.03 10.23
N VAL A 306 0.93 0.76 9.42
CA VAL A 306 1.61 1.80 8.66
C VAL A 306 1.87 3.01 9.53
#